data_2NRH
#
_entry.id   2NRH
#
_cell.length_a   58.288
_cell.length_b   73.972
_cell.length_c   116.812
_cell.angle_alpha   90.00
_cell.angle_beta   90.00
_cell.angle_gamma   90.00
#
_symmetry.space_group_name_H-M   'P 21 21 21'
#
loop_
_entity.id
_entity.type
_entity.pdbx_description
1 polymer 'Transcriptional activator, putative, Baf family'
2 non-polymer 'SULFATE ION'
3 water water
#
_entity_poly.entity_id   1
_entity_poly.type   'polypeptide(L)'
_entity_poly.pdbx_seq_one_letter_code
;MSLLLCDIGNSNANFLDDNKYFTLNIDQFLEFKNEQKIFYINVNEHLKEHLKNQKNFINLEPYFLFDTIYQGLGIDRIAA
CYTIEDGVVVDAGSAITIDIISNSIHLGGFILPGIANYKKIYSHISPRLKSEFNTQVSLDAFPQKTMDALSYGVFKGIYL
LIKDAAQNKKLYFTGGDGQFLANYFDHAIYDKLLIFRGMKKIIKENPNLLYEGHHHHHH
;
_entity_poly.pdbx_strand_id   A,B
#
loop_
_chem_comp.id
_chem_comp.type
_chem_comp.name
_chem_comp.formula
SO4 non-polymer 'SULFATE ION' 'O4 S -2'
#
# COMPACT_ATOMS: atom_id res chain seq x y z
N LEU A 3 -25.08 28.44 10.80
CA LEU A 3 -24.91 26.93 10.85
C LEU A 3 -23.46 26.44 10.58
N LEU A 4 -22.71 26.19 11.66
CA LEU A 4 -21.35 25.66 11.60
C LEU A 4 -21.18 24.08 11.71
N LEU A 5 -20.70 23.45 10.64
CA LEU A 5 -20.47 21.99 10.62
C LEU A 5 -18.99 21.58 10.63
N CYS A 6 -18.69 20.51 11.36
CA CYS A 6 -17.34 20.03 11.43
C CYS A 6 -17.24 18.52 11.14
N ASP A 7 -16.39 18.13 10.20
CA ASP A 7 -16.07 16.77 9.89
C ASP A 7 -14.63 16.62 10.36
N ILE A 8 -14.48 16.02 11.54
CA ILE A 8 -13.20 15.88 12.18
C ILE A 8 -12.61 14.54 11.86
N GLY A 9 -11.46 14.53 11.19
CA GLY A 9 -10.85 13.31 10.70
C GLY A 9 -9.58 13.00 11.43
N ASN A 10 -8.83 12.02 10.91
CA ASN A 10 -7.61 11.58 11.57
C ASN A 10 -6.40 12.49 11.37
N SER A 11 -6.37 13.23 10.25
CA SER A 11 -5.33 14.25 10.04
C SER A 11 -5.90 15.69 10.07
N ASN A 12 -7.13 15.85 9.57
CA ASN A 12 -7.73 17.18 9.38
C ASN A 12 -9.15 17.39 9.99
N ALA A 13 -9.45 18.64 10.33
CA ALA A 13 -10.82 19.07 10.58
C ALA A 13 -11.40 20.02 9.49
N ASN A 14 -12.10 19.42 8.53
CA ASN A 14 -12.98 20.08 7.58
C ASN A 14 -14.16 20.84 8.21
N PHE A 15 -14.19 22.16 8.03
CA PHE A 15 -15.29 23.02 8.53
C PHE A 15 -16.13 23.56 7.39
N LEU A 16 -17.41 23.80 7.68
CA LEU A 16 -18.29 24.51 6.76
C LEU A 16 -19.21 25.49 7.52
N ASP A 17 -18.94 26.79 7.36
CA ASP A 17 -19.68 27.90 8.00
C ASP A 17 -20.55 28.74 7.03
N LYS A 20 -18.79 28.78 3.26
CA LYS A 20 -17.36 28.87 3.62
C LYS A 20 -16.65 27.57 4.11
N TYR A 21 -16.17 26.77 3.15
CA TYR A 21 -15.39 25.58 3.44
C TYR A 21 -14.05 26.02 3.93
N PHE A 22 -13.40 25.19 4.73
CA PHE A 22 -12.05 25.44 5.20
C PHE A 22 -11.63 24.31 6.13
N THR A 23 -10.33 24.04 6.19
CA THR A 23 -9.83 22.88 6.92
C THR A 23 -8.68 23.27 7.82
N LEU A 24 -8.69 22.77 9.05
CA LEU A 24 -7.54 22.85 9.95
C LEU A 24 -6.89 21.48 10.02
N ASN A 25 -5.61 21.47 10.37
CA ASN A 25 -4.97 20.21 10.74
C ASN A 25 -5.33 20.03 12.21
N ILE A 26 -5.09 18.84 12.76
CA ILE A 26 -5.50 18.54 14.14
C ILE A 26 -4.83 19.48 15.17
N ASP A 27 -3.52 19.67 15.03
CA ASP A 27 -2.74 20.49 15.97
C ASP A 27 -3.25 21.96 15.98
N GLN A 28 -3.77 22.39 14.83
CA GLN A 28 -4.49 23.67 14.68
C GLN A 28 -5.87 23.63 15.34
N PHE A 29 -6.65 22.59 15.02
CA PHE A 29 -8.01 22.43 15.53
C PHE A 29 -8.01 22.52 17.06
N LEU A 30 -6.98 21.94 17.66
CA LEU A 30 -6.82 21.95 19.10
C LEU A 30 -6.76 23.37 19.69
N GLU A 31 -6.13 24.30 18.97
CA GLU A 31 -6.06 25.73 19.40
C GLU A 31 -7.16 26.64 18.79
N PHE A 32 -8.06 26.04 18.00
CA PHE A 32 -9.18 26.77 17.36
C PHE A 32 -10.28 27.15 18.36
N ILE A 38 -21.66 24.21 16.89
CA ILE A 38 -20.93 23.41 15.92
C ILE A 38 -21.38 21.97 16.00
N PHE A 39 -22.16 21.58 14.98
CA PHE A 39 -22.53 20.21 14.76
C PHE A 39 -21.38 19.44 14.11
N TYR A 40 -21.09 18.24 14.64
CA TYR A 40 -19.90 17.50 14.22
C TYR A 40 -20.07 16.01 14.08
N ILE A 41 -19.26 15.39 13.21
CA ILE A 41 -18.95 13.96 13.24
C ILE A 41 -17.45 13.82 13.47
N ASN A 42 -17.04 12.76 14.14
CA ASN A 42 -15.64 12.58 14.45
C ASN A 42 -15.22 11.13 14.31
N VAL A 43 -14.13 10.87 13.58
CA VAL A 43 -13.52 9.54 13.66
C VAL A 43 -12.20 9.52 14.42
N ASN A 44 -11.76 10.68 14.94
CA ASN A 44 -10.45 10.77 15.63
C ASN A 44 -10.53 10.25 17.10
N GLU A 45 -10.17 8.97 17.32
CA GLU A 45 -10.06 8.43 18.68
C GLU A 45 -9.49 9.35 19.70
N HIS A 46 -8.33 9.94 19.42
CA HIS A 46 -7.58 10.66 20.46
C HIS A 46 -8.21 12.02 20.69
N LEU A 47 -9.26 12.30 19.93
CA LEU A 47 -10.07 13.50 20.09
C LEU A 47 -11.44 13.29 20.80
N LYS A 48 -11.80 12.05 21.13
CA LYS A 48 -13.09 11.82 21.80
C LYS A 48 -13.28 12.70 23.07
N GLU A 49 -12.32 12.60 24.00
CA GLU A 49 -12.32 13.31 25.28
C GLU A 49 -12.58 14.80 25.10
N HIS A 50 -11.68 15.44 24.36
CA HIS A 50 -11.68 16.89 24.15
C HIS A 50 -13.03 17.41 23.66
N LEU A 51 -13.68 16.62 22.81
CA LEU A 51 -14.92 17.02 22.18
C LEU A 51 -16.07 17.02 23.18
N LYS A 52 -16.10 16.00 24.04
CA LYS A 52 -17.11 15.98 25.11
C LYS A 52 -16.96 17.21 26.00
N ASN A 53 -15.72 17.53 26.37
CA ASN A 53 -15.42 18.80 27.04
C ASN A 53 -16.14 20.03 26.47
N GLN A 54 -16.28 20.11 25.14
CA GLN A 54 -16.71 21.34 24.44
C GLN A 54 -18.20 21.35 24.29
N LYS A 55 -18.84 22.34 24.89
CA LYS A 55 -20.29 22.34 24.99
C LYS A 55 -21.01 22.95 23.79
N ASN A 56 -20.31 23.78 23.02
CA ASN A 56 -20.82 24.29 21.75
C ASN A 56 -20.90 23.20 20.66
N PHE A 57 -20.07 22.16 20.80
CA PHE A 57 -20.07 21.04 19.86
C PHE A 57 -21.18 20.06 20.17
N ILE A 58 -21.95 19.71 19.13
CA ILE A 58 -23.05 18.76 19.26
C ILE A 58 -22.78 17.61 18.33
N ASN A 59 -22.65 16.41 18.90
CA ASN A 59 -22.38 15.21 18.09
C ASN A 59 -23.61 14.84 17.29
N LEU A 60 -23.43 14.51 16.00
CA LEU A 60 -24.52 14.17 15.11
C LEU A 60 -24.60 12.70 14.85
N GLU A 61 -23.53 11.96 15.17
CA GLU A 61 -23.51 10.53 14.91
C GLU A 61 -24.77 9.70 15.31
N PRO A 62 -25.26 9.86 16.56
CA PRO A 62 -26.43 9.02 16.94
C PRO A 62 -27.74 9.33 16.20
N TYR A 63 -27.80 10.42 15.41
CA TYR A 63 -28.98 10.70 14.64
C TYR A 63 -29.02 9.97 13.32
N PHE A 64 -27.88 9.53 12.80
CA PHE A 64 -27.88 8.84 11.52
C PHE A 64 -28.53 7.49 11.74
N LEU A 65 -29.37 7.10 10.80
CA LEU A 65 -29.90 5.77 10.79
C LEU A 65 -29.74 5.38 9.35
N PHE A 66 -29.00 4.30 9.13
CA PHE A 66 -28.46 4.00 7.85
C PHE A 66 -28.42 2.50 7.74
N ASP A 67 -29.14 1.92 6.79
CA ASP A 67 -29.05 0.47 6.66
C ASP A 67 -27.86 -0.06 5.88
N THR A 68 -27.18 -0.98 6.55
CA THR A 68 -25.98 -1.55 6.06
C THR A 68 -25.85 -2.95 6.63
N ILE A 69 -25.31 -3.86 5.83
CA ILE A 69 -24.99 -5.17 6.39
C ILE A 69 -23.56 -5.20 6.96
N TYR A 70 -22.98 -4.01 7.17
CA TYR A 70 -21.60 -3.86 7.58
C TYR A 70 -21.59 -3.51 9.05
N GLN A 71 -20.83 -4.25 9.85
CA GLN A 71 -20.78 -3.95 11.28
C GLN A 71 -19.71 -2.92 11.64
N GLY A 72 -20.06 -1.91 12.42
CA GLY A 72 -19.12 -0.89 12.85
C GLY A 72 -18.59 -0.01 11.72
N LEU A 73 -19.47 0.34 10.77
CA LEU A 73 -19.16 1.35 9.75
C LEU A 73 -18.89 2.72 10.38
N GLY A 74 -17.75 3.32 10.04
CA GLY A 74 -17.41 4.64 10.52
C GLY A 74 -18.35 5.73 10.07
N ILE A 75 -18.43 6.79 10.86
CA ILE A 75 -19.47 7.81 10.67
C ILE A 75 -19.12 8.72 9.49
N ASP A 76 -17.83 8.84 9.18
CA ASP A 76 -17.45 9.54 7.96
C ASP A 76 -17.93 8.78 6.74
N ARG A 77 -17.89 7.47 6.76
CA ARG A 77 -18.36 6.73 5.61
C ARG A 77 -19.86 6.84 5.51
N ILE A 78 -20.56 6.66 6.64
CA ILE A 78 -22.02 6.78 6.69
C ILE A 78 -22.45 8.15 6.12
N ALA A 79 -21.88 9.22 6.66
CA ALA A 79 -22.18 10.61 6.25
C ALA A 79 -21.91 10.89 4.76
N ALA A 80 -20.78 10.38 4.26
CA ALA A 80 -20.47 10.58 2.87
C ALA A 80 -21.50 9.88 2.02
N CYS A 81 -21.81 8.63 2.39
CA CYS A 81 -22.74 7.77 1.67
C CYS A 81 -24.23 8.19 1.88
N TYR A 82 -24.50 9.05 2.87
CA TYR A 82 -25.91 9.24 3.28
C TYR A 82 -26.89 9.78 2.22
N THR A 83 -26.41 10.63 1.31
CA THR A 83 -27.26 11.19 0.26
C THR A 83 -27.09 10.51 -1.11
N ILE A 84 -26.58 9.29 -1.16
CA ILE A 84 -26.31 8.65 -2.47
C ILE A 84 -27.18 7.44 -2.59
N GLU A 85 -28.05 7.44 -3.59
CA GLU A 85 -29.00 6.36 -3.79
C GLU A 85 -28.25 5.19 -4.38
N ASP A 86 -27.47 5.42 -5.42
CA ASP A 86 -26.75 4.33 -6.08
C ASP A 86 -25.35 4.77 -6.57
N GLY A 87 -24.32 3.98 -6.28
CA GLY A 87 -22.96 4.28 -6.73
C GLY A 87 -21.83 3.82 -5.82
N VAL A 88 -20.59 4.01 -6.30
CA VAL A 88 -19.40 3.83 -5.46
C VAL A 88 -19.00 5.20 -4.87
N VAL A 89 -18.81 5.23 -3.55
CA VAL A 89 -18.41 6.45 -2.84
C VAL A 89 -16.97 6.33 -2.27
N VAL A 90 -16.07 7.13 -2.81
CA VAL A 90 -14.67 7.14 -2.43
C VAL A 90 -14.36 8.43 -1.62
N ASP A 91 -13.81 8.28 -0.42
CA ASP A 91 -13.39 9.45 0.37
C ASP A 91 -11.88 9.36 0.59
N ALA A 92 -11.13 10.30 0.03
CA ALA A 92 -9.66 10.17 0.07
C ALA A 92 -8.98 11.22 0.96
N GLY A 93 -8.55 10.76 2.12
CA GLY A 93 -7.89 11.58 3.12
C GLY A 93 -6.75 10.77 3.73
N SER A 94 -6.62 10.84 5.07
CA SER A 94 -5.76 9.93 5.90
C SER A 94 -5.84 8.50 5.47
N ALA A 95 -7.06 8.08 5.22
CA ALA A 95 -7.36 6.79 4.64
C ALA A 95 -8.22 7.03 3.40
N ILE A 96 -8.40 5.99 2.61
CA ILE A 96 -9.26 6.11 1.48
C ILE A 96 -10.31 5.03 1.63
N THR A 97 -11.57 5.46 1.82
CA THR A 97 -12.66 4.53 2.02
C THR A 97 -13.39 4.41 0.71
N ILE A 98 -13.68 3.18 0.30
CA ILE A 98 -14.43 2.92 -0.90
C ILE A 98 -15.71 2.14 -0.54
N ASP A 99 -16.85 2.82 -0.69
CA ASP A 99 -18.18 2.26 -0.32
C ASP A 99 -19.26 2.06 -1.42
N ILE A 100 -20.03 0.98 -1.25
CA ILE A 100 -20.95 0.56 -2.30
C ILE A 100 -22.46 0.66 -1.99
N ILE A 101 -23.17 1.43 -2.83
CA ILE A 101 -24.62 1.64 -2.72
C ILE A 101 -25.31 1.24 -4.04
N HIS A 106 -26.15 0.23 1.44
CA HIS A 106 -24.74 -0.07 1.66
C HIS A 106 -24.42 -1.56 1.58
N LEU A 107 -23.81 -1.99 0.48
CA LEU A 107 -23.48 -3.42 0.32
C LEU A 107 -22.02 -3.73 0.67
N GLY A 108 -21.39 -2.82 1.42
CA GLY A 108 -20.01 -3.04 1.83
C GLY A 108 -19.00 -2.09 1.20
N GLY A 109 -17.74 -2.36 1.48
CA GLY A 109 -16.68 -1.38 1.24
C GLY A 109 -15.38 -1.68 1.94
N PHE A 110 -14.34 -0.98 1.51
CA PHE A 110 -12.97 -1.39 1.90
C PHE A 110 -12.14 -0.14 2.13
N ILE A 111 -10.97 -0.32 2.75
CA ILE A 111 -10.19 0.83 3.19
C ILE A 111 -8.76 0.71 2.73
N LEU A 112 -8.19 1.85 2.33
CA LEU A 112 -6.72 1.92 2.12
C LEU A 112 -6.02 3.05 2.90
N PRO A 113 -4.69 3.03 2.98
CA PRO A 113 -4.06 4.23 3.55
C PRO A 113 -4.19 5.41 2.57
N GLY A 114 -4.24 6.63 3.13
CA GLY A 114 -4.23 7.80 2.33
C GLY A 114 -2.85 7.92 1.71
N ILE A 115 -2.78 8.76 0.69
CA ILE A 115 -1.60 8.90 -0.14
C ILE A 115 -0.38 9.40 0.66
N ALA A 116 -0.59 10.37 1.54
CA ALA A 116 0.46 10.84 2.44
C ALA A 116 0.93 9.73 3.42
N ASN A 117 0.06 8.78 3.75
CA ASN A 117 0.49 7.74 4.67
C ASN A 117 1.27 6.65 3.94
N TYR A 118 0.95 6.46 2.65
CA TYR A 118 1.92 5.74 1.77
C TYR A 118 3.29 6.41 1.74
N LYS A 119 3.34 7.73 1.65
CA LYS A 119 4.60 8.44 1.68
C LYS A 119 5.39 8.12 2.93
N LYS A 120 4.75 8.29 4.07
CA LYS A 120 5.31 8.05 5.41
C LYS A 120 5.96 6.66 5.58
N ILE A 121 5.34 5.57 5.14
CA ILE A 121 6.06 4.28 5.19
C ILE A 121 7.37 4.30 4.39
N TYR A 122 7.32 4.90 3.22
CA TYR A 122 8.49 4.88 2.39
C TYR A 122 9.62 5.81 2.90
N SER A 123 9.22 6.96 3.43
CA SER A 123 10.13 7.97 3.90
C SER A 123 10.86 7.47 5.14
N HIS A 124 10.16 6.69 5.97
CA HIS A 124 10.75 6.09 7.20
C HIS A 124 11.75 4.98 6.88
N ILE A 125 11.37 4.11 5.93
CA ILE A 125 12.25 3.08 5.39
C ILE A 125 13.47 3.66 4.67
N SER A 126 13.25 4.68 3.84
CA SER A 126 14.31 5.27 3.06
C SER A 126 14.37 6.79 3.27
N PRO A 127 15.04 7.19 4.35
CA PRO A 127 15.17 8.63 4.56
C PRO A 127 16.15 9.23 3.55
N PHE A 133 5.91 12.38 -4.22
CA PHE A 133 5.42 11.44 -5.24
C PHE A 133 5.39 12.09 -6.60
N ASN A 134 5.63 11.33 -7.66
CA ASN A 134 5.45 11.90 -8.99
C ASN A 134 4.01 11.64 -9.44
N THR A 135 3.20 12.68 -9.32
CA THR A 135 1.76 12.57 -9.60
C THR A 135 1.42 12.47 -11.10
N GLN A 136 2.35 12.91 -11.95
CA GLN A 136 2.19 12.77 -13.38
C GLN A 136 2.74 11.46 -13.93
N VAL A 137 3.12 10.54 -13.04
CA VAL A 137 3.73 9.29 -13.48
C VAL A 137 2.78 8.64 -14.49
N SER A 138 3.32 8.07 -15.55
CA SER A 138 2.43 7.34 -16.42
C SER A 138 2.02 6.03 -15.75
N LEU A 139 0.75 5.68 -15.97
CA LEU A 139 0.14 4.47 -15.47
C LEU A 139 0.09 3.37 -16.50
N ASP A 140 0.44 3.69 -17.75
CA ASP A 140 0.38 2.70 -18.84
C ASP A 140 1.70 2.15 -19.31
N ALA A 141 2.76 2.53 -18.59
CA ALA A 141 4.09 1.99 -18.80
C ALA A 141 4.70 1.65 -17.44
N PHE A 142 5.58 0.64 -17.45
CA PHE A 142 6.35 0.20 -16.29
C PHE A 142 7.41 1.20 -15.90
N PRO A 143 7.42 1.63 -14.63
CA PRO A 143 8.44 2.60 -14.19
C PRO A 143 9.89 2.14 -14.39
N GLN A 144 10.78 3.11 -14.41
CA GLN A 144 12.20 2.87 -14.51
C GLN A 144 13.07 3.72 -13.60
N LYS A 145 12.47 4.34 -12.59
CA LYS A 145 13.24 4.81 -11.44
C LYS A 145 12.44 4.66 -10.15
N THR A 146 13.15 4.66 -9.04
CA THR A 146 12.53 4.46 -7.72
C THR A 146 11.29 5.32 -7.42
N MET A 147 11.31 6.63 -7.71
CA MET A 147 10.19 7.49 -7.31
C MET A 147 8.93 7.22 -8.11
N ASP A 148 9.14 6.93 -9.39
CA ASP A 148 8.13 6.42 -10.29
C ASP A 148 7.64 5.01 -9.89
N ALA A 149 8.55 4.11 -9.53
CA ALA A 149 8.17 2.79 -9.04
C ALA A 149 7.22 2.93 -7.84
N LEU A 150 7.54 3.84 -6.91
CA LEU A 150 6.69 4.04 -5.74
C LEU A 150 5.32 4.64 -6.10
N SER A 151 5.37 5.66 -6.97
CA SER A 151 4.23 6.51 -7.32
C SER A 151 3.20 5.67 -8.06
N TYR A 152 3.69 4.79 -8.90
CA TYR A 152 2.84 3.93 -9.68
C TYR A 152 2.19 2.81 -8.82
N GLY A 153 2.93 2.20 -7.90
CA GLY A 153 2.35 1.23 -6.93
C GLY A 153 1.15 1.81 -6.21
N VAL A 154 1.32 3.01 -5.66
CA VAL A 154 0.26 3.80 -5.01
C VAL A 154 -0.87 4.16 -5.96
N PHE A 155 -0.65 5.08 -6.90
CA PHE A 155 -1.70 5.50 -7.83
C PHE A 155 -2.41 4.38 -8.67
N LYS A 156 -1.67 3.46 -9.22
CA LYS A 156 -2.32 2.43 -10.02
C LYS A 156 -3.03 1.39 -9.16
N GLY A 157 -2.55 1.21 -7.92
CA GLY A 157 -3.18 0.26 -6.98
C GLY A 157 -4.56 0.71 -6.59
N ILE A 158 -4.66 2.00 -6.28
CA ILE A 158 -5.89 2.64 -5.96
C ILE A 158 -6.82 2.63 -7.20
N TYR A 159 -6.29 3.07 -8.36
CA TYR A 159 -6.99 3.08 -9.60
C TYR A 159 -7.60 1.74 -9.93
N LEU A 160 -6.80 0.67 -9.91
CA LEU A 160 -7.35 -0.65 -10.19
C LEU A 160 -8.46 -1.11 -9.21
N LEU A 161 -8.38 -0.68 -7.95
CA LEU A 161 -9.35 -1.14 -6.94
C LEU A 161 -10.72 -0.51 -7.08
N ILE A 162 -10.73 0.80 -7.21
CA ILE A 162 -11.91 1.56 -7.55
C ILE A 162 -12.53 1.08 -8.88
N LYS A 163 -11.78 1.14 -9.98
CA LYS A 163 -12.25 0.56 -11.25
C LYS A 163 -12.94 -0.77 -11.06
N ASP A 164 -12.35 -1.70 -10.31
CA ASP A 164 -12.88 -3.05 -10.20
C ASP A 164 -14.19 -3.07 -9.43
N ALA A 165 -14.29 -2.13 -8.49
CA ALA A 165 -15.39 -2.02 -7.56
C ALA A 165 -16.51 -1.29 -8.23
N ALA A 166 -16.16 -0.43 -9.18
CA ALA A 166 -17.14 0.41 -9.86
C ALA A 166 -17.56 -0.25 -11.18
N GLN A 167 -17.16 -1.50 -11.37
CA GLN A 167 -17.57 -2.29 -12.51
C GLN A 167 -19.04 -1.93 -12.77
N ASN A 168 -19.26 -1.46 -14.00
CA ASN A 168 -20.06 -0.29 -14.26
C ASN A 168 -21.18 0.01 -13.26
N LYS A 169 -20.82 0.95 -12.37
CA LYS A 169 -21.73 1.69 -11.50
C LYS A 169 -21.32 3.13 -11.68
N LYS A 170 -22.12 4.04 -11.15
CA LYS A 170 -21.73 5.44 -10.98
C LYS A 170 -20.52 5.54 -10.00
N LEU A 171 -19.77 6.65 -10.06
CA LEU A 171 -18.59 6.87 -9.20
C LEU A 171 -18.55 8.26 -8.58
N TYR A 172 -18.47 8.34 -7.26
CA TYR A 172 -18.36 9.62 -6.53
C TYR A 172 -17.09 9.65 -5.66
N PHE A 173 -16.41 10.80 -5.62
CA PHE A 173 -15.19 10.99 -4.91
C PHE A 173 -15.44 12.22 -4.12
N THR A 174 -14.81 12.29 -2.94
CA THR A 174 -14.75 13.48 -2.05
C THR A 174 -13.43 13.38 -1.33
N GLY A 175 -13.17 14.30 -0.41
CA GLY A 175 -11.94 14.26 0.35
C GLY A 175 -10.76 15.00 -0.26
N GLY A 176 -9.81 15.33 0.60
CA GLY A 176 -8.76 16.23 0.26
C GLY A 176 -7.95 15.89 -0.97
N ASP A 177 -7.85 14.59 -1.27
CA ASP A 177 -7.12 14.02 -2.39
C ASP A 177 -8.11 13.44 -3.37
N GLY A 178 -9.40 13.71 -3.17
CA GLY A 178 -10.39 13.15 -4.07
C GLY A 178 -10.50 13.65 -5.51
N GLN A 179 -10.18 14.90 -5.75
CA GLN A 179 -10.24 15.41 -7.13
C GLN A 179 -9.12 14.82 -8.01
N PHE A 180 -7.89 14.82 -7.47
CA PHE A 180 -6.77 14.14 -8.09
C PHE A 180 -7.19 12.77 -8.57
N LEU A 181 -7.82 11.99 -7.69
CA LEU A 181 -8.14 10.60 -8.06
C LEU A 181 -9.25 10.52 -9.10
N ALA A 182 -10.12 11.52 -9.09
CA ALA A 182 -11.29 11.55 -9.99
C ALA A 182 -10.81 11.75 -11.43
N ASN A 183 -9.79 12.58 -11.59
CA ASN A 183 -9.16 12.78 -12.90
C ASN A 183 -8.76 11.49 -13.62
N TYR A 184 -8.53 10.41 -12.90
CA TYR A 184 -8.19 9.15 -13.51
C TYR A 184 -9.38 8.50 -14.21
N PHE A 185 -10.54 9.12 -14.05
CA PHE A 185 -11.76 8.48 -14.45
C PHE A 185 -12.54 9.32 -15.43
N ASP A 186 -13.18 8.62 -16.35
CA ASP A 186 -14.27 9.17 -17.13
C ASP A 186 -15.51 8.64 -16.45
N HIS A 187 -16.58 9.43 -16.56
CA HIS A 187 -17.91 9.21 -15.92
C HIS A 187 -17.94 9.43 -14.37
N ALA A 188 -16.88 10.04 -13.81
CA ALA A 188 -16.82 10.25 -12.34
C ALA A 188 -16.94 11.70 -11.89
N ILE A 189 -17.55 11.86 -10.70
CA ILE A 189 -17.90 13.15 -10.10
C ILE A 189 -17.17 13.31 -8.79
N TYR A 190 -16.59 14.49 -8.62
CA TYR A 190 -16.00 14.97 -7.39
C TYR A 190 -16.92 16.01 -6.75
N ASP A 191 -17.16 15.85 -5.45
CA ASP A 191 -18.00 16.80 -4.70
C ASP A 191 -17.26 16.99 -3.39
N LYS A 192 -16.74 18.19 -3.18
CA LYS A 192 -15.91 18.44 -2.05
C LYS A 192 -16.73 18.35 -0.75
N LEU A 193 -18.06 18.39 -0.86
CA LEU A 193 -18.92 18.65 0.27
C LEU A 193 -19.85 17.50 0.63
N LEU A 194 -19.61 16.33 0.05
CA LEU A 194 -20.52 15.22 0.09
C LEU A 194 -20.91 14.87 1.56
N ILE A 195 -19.98 15.16 2.47
CA ILE A 195 -20.09 14.78 3.87
C ILE A 195 -21.05 15.70 4.60
N PHE A 196 -20.77 17.01 4.55
CA PHE A 196 -21.69 18.06 5.00
C PHE A 196 -23.08 17.95 4.39
N ARG A 197 -23.19 17.36 3.21
CA ARG A 197 -24.50 17.08 2.63
C ARG A 197 -25.26 15.99 3.39
N GLY A 198 -24.56 14.94 3.87
CA GLY A 198 -25.15 13.99 4.86
C GLY A 198 -25.52 14.68 6.18
N MET A 199 -24.57 15.39 6.78
CA MET A 199 -24.77 16.21 7.97
C MET A 199 -25.97 17.20 7.91
N LYS A 200 -26.17 17.91 6.79
CA LYS A 200 -27.31 18.80 6.60
C LYS A 200 -28.60 17.99 6.47
N LYS A 201 -28.57 16.86 5.79
CA LYS A 201 -29.78 16.08 5.63
C LYS A 201 -30.29 15.50 6.95
N ILE A 202 -29.39 15.41 7.95
CA ILE A 202 -29.67 14.89 9.26
C ILE A 202 -30.34 15.97 10.09
N ILE A 203 -29.75 17.18 10.10
CA ILE A 203 -30.38 18.36 10.70
C ILE A 203 -31.77 18.59 10.09
N LYS A 204 -31.87 18.27 8.81
CA LYS A 204 -33.12 18.30 8.09
C LYS A 204 -34.12 17.34 8.75
N GLU A 205 -33.75 16.05 8.82
CA GLU A 205 -34.61 15.00 9.34
C GLU A 205 -34.93 15.16 10.83
N ASN A 206 -34.22 16.06 11.50
CA ASN A 206 -34.30 16.26 12.94
C ASN A 206 -34.41 17.70 13.33
N PRO A 207 -35.52 18.37 12.96
CA PRO A 207 -35.57 19.84 13.06
C PRO A 207 -35.23 20.36 14.44
N ASN A 208 -35.52 19.51 15.44
CA ASN A 208 -35.22 19.68 16.88
C ASN A 208 -33.80 20.12 17.25
N LEU A 209 -32.82 19.78 16.40
CA LEU A 209 -31.40 20.11 16.64
C LEU A 209 -31.08 21.62 16.77
N LEU A 210 -31.94 22.46 16.20
CA LEU A 210 -31.74 23.92 16.22
C LEU A 210 -32.50 24.66 17.34
N LEU B 3 29.74 -24.80 -0.91
CA LEU B 3 29.26 -23.55 -1.67
C LEU B 3 28.34 -22.64 -0.84
N LEU B 4 28.97 -21.71 -0.13
CA LEU B 4 28.28 -20.80 0.78
C LEU B 4 27.90 -19.49 0.05
N LEU B 5 26.60 -19.26 -0.10
CA LEU B 5 26.09 -18.02 -0.68
C LEU B 5 25.40 -17.16 0.36
N CYS B 6 25.52 -15.83 0.19
CA CYS B 6 24.96 -14.84 1.09
C CYS B 6 24.20 -13.73 0.32
N ASP B 7 22.94 -13.55 0.69
CA ASP B 7 22.07 -12.48 0.14
C ASP B 7 21.75 -11.47 1.27
N ILE B 8 22.44 -10.33 1.27
CA ILE B 8 22.41 -9.41 2.40
C ILE B 8 21.45 -8.21 2.19
N GLY B 9 20.48 -8.06 3.08
CA GLY B 9 19.51 -7.00 3.04
C GLY B 9 19.71 -5.93 4.13
N ASN B 10 18.74 -5.04 4.21
CA ASN B 10 18.64 -4.07 5.28
C ASN B 10 18.26 -4.60 6.66
N SER B 11 17.69 -5.81 6.72
CA SER B 11 17.32 -6.40 8.00
C SER B 11 17.84 -7.82 8.31
N ASN B 12 18.11 -8.58 7.23
CA ASN B 12 18.45 -9.98 7.28
C ASN B 12 19.60 -10.21 6.31
N ALA B 13 20.42 -11.19 6.64
CA ALA B 13 21.30 -11.81 5.66
C ALA B 13 20.80 -13.25 5.61
N ASN B 14 20.41 -13.66 4.40
CA ASN B 14 20.01 -14.99 4.11
C ASN B 14 21.18 -15.72 3.49
N PHE B 15 21.51 -16.87 4.07
CA PHE B 15 22.62 -17.73 3.63
C PHE B 15 22.09 -19.03 3.00
N LEU B 16 22.88 -19.58 2.09
CA LEU B 16 22.65 -20.95 1.57
C LEU B 16 23.99 -21.72 1.49
N ASP B 17 23.98 -22.97 1.98
CA ASP B 17 25.14 -23.91 1.97
C ASP B 17 25.11 -25.10 0.95
N LYS B 20 20.85 -26.09 2.16
CA LYS B 20 20.87 -25.60 3.56
C LYS B 20 20.72 -24.08 3.81
N TYR B 21 19.48 -23.65 4.09
CA TYR B 21 19.10 -22.25 4.10
C TYR B 21 18.95 -21.74 5.51
N PHE B 22 19.61 -20.62 5.82
CA PHE B 22 19.39 -19.97 7.11
C PHE B 22 19.40 -18.44 7.06
N THR B 23 18.79 -17.85 8.07
CA THR B 23 18.69 -16.42 8.15
C THR B 23 19.30 -15.90 9.43
N LEU B 24 20.22 -14.93 9.29
CA LEU B 24 20.69 -14.14 10.45
C LEU B 24 20.18 -12.68 10.42
N ASN B 25 20.05 -12.06 11.58
CA ASN B 25 19.78 -10.63 11.58
C ASN B 25 21.09 -9.91 11.43
N ILE B 26 21.09 -8.58 11.48
CA ILE B 26 22.29 -7.84 11.12
C ILE B 26 23.38 -7.86 12.21
N ASP B 27 22.99 -7.72 13.47
CA ASP B 27 23.86 -7.98 14.62
C ASP B 27 24.52 -9.37 14.53
N GLN B 28 23.71 -10.40 14.32
CA GLN B 28 24.22 -11.76 14.11
C GLN B 28 25.20 -11.80 12.94
N PHE B 29 24.85 -11.05 11.87
CA PHE B 29 25.64 -11.14 10.67
C PHE B 29 27.06 -10.53 10.95
N LEU B 30 27.05 -9.45 11.70
CA LEU B 30 28.29 -8.75 11.94
C LEU B 30 29.31 -9.58 12.77
N GLU B 31 28.81 -10.58 13.51
CA GLU B 31 29.63 -11.42 14.41
C GLU B 31 29.98 -12.76 13.80
N PHE B 32 29.46 -13.04 12.61
CA PHE B 32 29.66 -14.28 11.92
C PHE B 32 31.12 -14.36 11.50
N LYS B 33 31.75 -15.51 11.70
CA LYS B 33 32.95 -15.78 10.95
C LYS B 33 32.91 -17.18 10.42
N ASN B 34 33.56 -17.38 9.27
CA ASN B 34 33.68 -18.70 8.66
C ASN B 34 35.10 -19.12 8.22
N GLN B 36 35.97 -20.13 5.24
CA GLN B 36 35.65 -20.42 3.83
C GLN B 36 35.07 -19.25 3.03
N LYS B 37 35.35 -19.25 1.72
CA LYS B 37 34.76 -18.31 0.77
C LYS B 37 33.25 -18.16 0.98
N ILE B 38 32.82 -16.91 1.04
CA ILE B 38 31.42 -16.58 0.95
C ILE B 38 31.17 -15.64 -0.24
N PHE B 39 30.39 -16.12 -1.20
CA PHE B 39 29.87 -15.29 -2.30
C PHE B 39 28.66 -14.48 -1.88
N TYR B 40 28.60 -13.21 -2.25
CA TYR B 40 27.52 -12.41 -1.75
C TYR B 40 26.98 -11.42 -2.75
N ILE B 41 25.73 -10.99 -2.51
CA ILE B 41 25.20 -9.68 -2.96
C ILE B 41 24.67 -8.88 -1.74
N ASN B 42 24.65 -7.56 -1.84
CA ASN B 42 24.32 -6.71 -0.70
C ASN B 42 23.61 -5.44 -1.16
N VAL B 43 22.48 -5.11 -0.51
CA VAL B 43 21.79 -3.83 -0.73
C VAL B 43 21.93 -2.93 0.49
N ASN B 44 22.56 -3.42 1.53
CA ASN B 44 22.74 -2.65 2.71
C ASN B 44 23.93 -1.65 2.57
N GLU B 45 23.62 -0.38 2.51
CA GLU B 45 24.66 0.60 2.24
C GLU B 45 25.60 0.71 3.45
N HIS B 46 25.04 0.31 4.59
CA HIS B 46 25.70 0.45 5.84
C HIS B 46 26.79 -0.62 6.00
N LEU B 47 26.75 -1.67 5.20
CA LEU B 47 27.63 -2.81 5.46
C LEU B 47 28.73 -2.91 4.45
N LYS B 48 28.78 -1.95 3.55
CA LYS B 48 29.81 -1.94 2.51
C LYS B 48 31.31 -1.93 2.99
N GLU B 49 31.64 -1.12 3.99
CA GLU B 49 32.98 -1.08 4.60
C GLU B 49 33.31 -2.43 5.28
N HIS B 50 32.36 -2.89 6.08
CA HIS B 50 32.51 -4.15 6.74
C HIS B 50 32.81 -5.27 5.78
N LEU B 51 32.11 -5.32 4.67
CA LEU B 51 32.24 -6.44 3.73
C LEU B 51 33.61 -6.42 3.10
N LYS B 52 34.08 -5.21 2.78
CA LYS B 52 35.41 -4.97 2.19
C LYS B 52 36.56 -5.42 3.09
N ASN B 53 36.34 -5.37 4.40
CA ASN B 53 37.31 -5.81 5.38
C ASN B 53 37.35 -7.33 5.55
N GLN B 54 36.29 -8.03 5.13
CA GLN B 54 36.23 -9.51 5.19
C GLN B 54 36.74 -10.06 3.87
N LYS B 55 37.97 -10.55 3.87
CA LYS B 55 38.62 -11.04 2.64
C LYS B 55 37.99 -12.31 2.10
N ASN B 56 37.38 -13.10 2.97
CA ASN B 56 36.68 -14.30 2.55
C ASN B 56 35.36 -13.98 1.84
N PHE B 57 34.94 -12.72 1.86
CA PHE B 57 33.69 -12.32 1.23
C PHE B 57 33.87 -11.74 -0.21
N ILE B 58 33.11 -12.30 -1.15
CA ILE B 58 33.36 -12.12 -2.56
C ILE B 58 32.09 -11.69 -3.30
N ASN B 59 32.11 -10.45 -3.77
CA ASN B 59 30.93 -9.74 -4.25
C ASN B 59 30.58 -10.22 -5.66
N LEU B 60 29.36 -10.71 -5.82
CA LEU B 60 28.94 -11.20 -7.10
C LEU B 60 28.35 -10.12 -7.98
N GLU B 61 28.02 -8.98 -7.36
CA GLU B 61 27.32 -7.91 -8.09
C GLU B 61 27.96 -7.55 -9.44
N PRO B 62 29.31 -7.37 -9.49
CA PRO B 62 29.97 -6.98 -10.77
C PRO B 62 29.79 -7.98 -11.91
N TYR B 63 29.44 -9.22 -11.62
CA TYR B 63 29.30 -10.27 -12.63
C TYR B 63 27.93 -10.31 -13.29
N PHE B 64 26.96 -9.62 -12.69
CA PHE B 64 25.59 -9.64 -13.18
C PHE B 64 25.45 -8.77 -14.42
N LEU B 65 25.26 -9.36 -15.59
CA LEU B 65 24.90 -8.57 -16.77
C LEU B 65 23.39 -8.72 -17.12
N PHE B 66 22.68 -7.59 -17.04
CA PHE B 66 21.26 -7.64 -17.01
C PHE B 66 20.76 -6.43 -17.74
N ASP B 67 19.94 -6.63 -18.76
CA ASP B 67 19.54 -5.54 -19.65
C ASP B 67 18.34 -4.74 -19.11
N THR B 68 18.64 -3.59 -18.50
CA THR B 68 17.66 -2.66 -17.82
C THR B 68 18.07 -1.18 -18.05
N ILE B 69 17.13 -0.24 -18.00
CA ILE B 69 17.46 1.21 -17.96
C ILE B 69 16.94 1.86 -16.67
N TYR B 70 16.49 0.99 -15.77
CA TYR B 70 15.92 1.36 -14.48
C TYR B 70 17.08 1.82 -13.65
N GLN B 71 17.11 3.11 -13.34
CA GLN B 71 18.21 3.70 -12.57
C GLN B 71 18.42 3.09 -11.18
N GLY B 72 19.61 2.62 -10.92
CA GLY B 72 19.93 2.09 -9.61
C GLY B 72 19.19 0.83 -9.19
N LEU B 73 18.67 0.05 -10.15
CA LEU B 73 17.96 -1.21 -9.82
C LEU B 73 18.71 -2.03 -8.73
N GLY B 74 18.01 -2.52 -7.71
CA GLY B 74 18.68 -3.23 -6.61
C GLY B 74 19.22 -4.57 -7.09
N ILE B 75 20.41 -4.90 -6.62
CA ILE B 75 21.05 -6.20 -6.98
C ILE B 75 20.18 -7.38 -6.56
N ASP B 76 19.42 -7.17 -5.51
CA ASP B 76 18.48 -8.24 -5.10
C ASP B 76 17.39 -8.56 -6.13
N ARG B 77 16.81 -7.52 -6.72
CA ARG B 77 15.84 -7.67 -7.83
C ARG B 77 16.51 -8.22 -9.09
N ILE B 78 17.70 -7.73 -9.42
CA ILE B 78 18.44 -8.27 -10.54
C ILE B 78 18.62 -9.80 -10.39
N ALA B 79 19.17 -10.23 -9.25
CA ALA B 79 19.43 -11.62 -8.99
C ALA B 79 18.18 -12.49 -9.04
N ALA B 80 17.03 -11.96 -8.65
CA ALA B 80 15.78 -12.74 -8.70
C ALA B 80 15.20 -12.82 -10.10
N CYS B 81 15.47 -11.80 -10.92
CA CYS B 81 15.06 -11.82 -12.33
C CYS B 81 15.99 -12.64 -13.22
N TYR B 82 17.15 -12.93 -12.69
CA TYR B 82 18.24 -13.34 -13.53
C TYR B 82 18.03 -14.71 -14.23
N THR B 83 17.39 -15.69 -13.57
CA THR B 83 17.23 -17.02 -14.21
C THR B 83 15.94 -17.06 -15.06
N ILE B 84 15.31 -15.91 -15.22
CA ILE B 84 14.02 -15.80 -15.92
C ILE B 84 14.17 -15.09 -17.27
N GLU B 85 13.64 -15.73 -18.31
CA GLU B 85 13.70 -15.25 -19.70
C GLU B 85 12.50 -14.40 -20.01
N ASP B 86 11.35 -14.82 -19.51
CA ASP B 86 10.07 -14.13 -19.74
C ASP B 86 9.28 -14.39 -18.51
N GLY B 87 8.62 -13.36 -18.01
CA GLY B 87 7.79 -13.49 -16.83
C GLY B 87 7.72 -12.27 -15.91
N VAL B 88 6.88 -12.38 -14.90
CA VAL B 88 6.75 -11.32 -13.92
C VAL B 88 7.30 -11.90 -12.66
N VAL B 89 8.30 -11.19 -12.10
CA VAL B 89 8.95 -11.52 -10.83
C VAL B 89 8.49 -10.64 -9.66
N VAL B 90 8.00 -11.31 -8.61
CA VAL B 90 7.42 -10.69 -7.41
C VAL B 90 8.20 -11.20 -6.22
N ASP B 91 8.89 -10.31 -5.52
CA ASP B 91 9.57 -10.63 -4.27
C ASP B 91 8.78 -9.93 -3.17
N ALA B 92 8.10 -10.76 -2.38
CA ALA B 92 7.19 -10.30 -1.35
C ALA B 92 7.81 -10.53 0.06
N GLY B 93 8.51 -9.49 0.54
CA GLY B 93 9.06 -9.43 1.90
C GLY B 93 8.65 -8.12 2.53
N SER B 94 9.64 -7.40 3.07
CA SER B 94 9.49 -6.11 3.71
C SER B 94 8.91 -5.11 2.78
N ALA B 95 9.27 -5.26 1.52
CA ALA B 95 8.72 -4.50 0.43
C ALA B 95 8.25 -5.57 -0.55
N ILE B 96 7.37 -5.20 -1.44
CA ILE B 96 6.90 -6.03 -2.54
C ILE B 96 7.41 -5.34 -3.84
N THR B 97 8.32 -5.99 -4.54
CA THR B 97 8.78 -5.47 -5.84
C THR B 97 8.26 -6.38 -6.95
N ILE B 98 7.74 -5.76 -8.01
CA ILE B 98 7.20 -6.48 -9.17
C ILE B 98 8.01 -6.08 -10.39
N ASP B 99 8.71 -7.02 -10.99
CA ASP B 99 9.55 -6.72 -12.16
C ASP B 99 9.11 -7.52 -13.40
N ILE B 100 9.21 -6.88 -14.56
CA ILE B 100 8.72 -7.50 -15.78
C ILE B 100 9.82 -7.83 -16.76
N ILE B 101 9.95 -9.14 -17.06
CA ILE B 101 10.95 -9.65 -18.00
C ILE B 101 10.29 -10.16 -19.30
N SER B 102 10.91 -9.77 -20.41
CA SER B 102 10.46 -10.20 -21.71
C SER B 102 11.68 -10.39 -22.52
N ASN B 103 11.98 -11.65 -22.82
CA ASN B 103 13.05 -11.91 -23.71
C ASN B 103 14.40 -11.55 -23.11
N SER B 104 14.55 -11.86 -21.82
CA SER B 104 15.71 -11.52 -21.08
C SER B 104 15.92 -10.01 -21.05
N ILE B 105 14.88 -9.21 -21.26
CA ILE B 105 14.98 -7.74 -21.07
C ILE B 105 14.07 -7.25 -19.96
N HIS B 106 14.58 -6.35 -19.13
CA HIS B 106 13.86 -5.81 -17.97
C HIS B 106 13.10 -4.62 -18.49
N LEU B 107 11.78 -4.77 -18.52
CA LEU B 107 10.88 -3.79 -19.06
C LEU B 107 10.52 -2.70 -18.03
N GLY B 108 10.91 -2.86 -16.78
CA GLY B 108 10.40 -1.91 -15.79
C GLY B 108 9.91 -2.70 -14.62
N GLY B 109 9.51 -2.01 -13.57
CA GLY B 109 9.07 -2.70 -12.35
C GLY B 109 8.51 -1.68 -11.37
N PHE B 110 7.89 -2.18 -10.31
CA PHE B 110 7.35 -1.25 -9.29
C PHE B 110 7.30 -1.84 -7.91
N ILE B 111 6.98 -0.96 -6.95
CA ILE B 111 7.17 -1.25 -5.53
C ILE B 111 5.91 -0.93 -4.74
N LEU B 112 5.69 -1.81 -3.79
CA LEU B 112 4.54 -1.66 -2.90
C LEU B 112 5.03 -1.80 -1.46
N PRO B 113 4.28 -1.28 -0.49
CA PRO B 113 4.74 -1.74 0.85
C PRO B 113 4.60 -3.26 1.04
N GLY B 114 5.50 -3.83 1.83
CA GLY B 114 5.30 -5.16 2.39
C GLY B 114 4.08 -5.21 3.29
N ILE B 115 3.53 -6.39 3.45
CA ILE B 115 2.26 -6.63 4.17
C ILE B 115 2.30 -6.18 5.64
N ALA B 116 3.37 -6.53 6.35
CA ALA B 116 3.58 -6.04 7.74
C ALA B 116 3.50 -4.53 7.77
N ASN B 117 4.10 -3.88 6.77
CA ASN B 117 4.11 -2.40 6.75
C ASN B 117 2.75 -1.78 6.53
N TYR B 118 1.91 -2.39 5.68
CA TYR B 118 0.48 -2.01 5.55
C TYR B 118 -0.21 -2.04 6.92
N LYS B 119 -0.02 -3.13 7.66
CA LYS B 119 -0.52 -3.32 9.05
C LYS B 119 -0.05 -2.21 9.96
N LYS B 120 1.26 -1.85 9.94
CA LYS B 120 1.77 -0.66 10.71
C LYS B 120 1.14 0.67 10.35
N ILE B 121 0.98 0.96 9.04
CA ILE B 121 0.43 2.29 8.70
C ILE B 121 -1.05 2.43 9.06
N TYR B 122 -1.83 1.36 8.96
CA TYR B 122 -3.25 1.39 9.40
C TYR B 122 -3.33 1.81 10.88
N SER B 123 -2.57 1.09 11.71
CA SER B 123 -2.35 1.50 13.10
C SER B 123 -1.89 2.92 13.34
N HIS B 124 -0.96 3.41 12.52
CA HIS B 124 -0.53 4.79 12.71
C HIS B 124 -1.72 5.70 12.37
N ILE B 125 -2.49 5.35 11.34
CA ILE B 125 -3.66 6.18 11.02
C ILE B 125 -4.72 6.21 12.17
N SER B 126 -5.14 5.04 12.64
CA SER B 126 -6.14 4.98 13.70
C SER B 126 -6.13 3.63 14.43
N PRO B 127 -6.36 3.67 15.75
CA PRO B 127 -6.66 2.42 16.50
C PRO B 127 -7.92 1.70 15.99
N ARG B 128 -8.84 2.42 15.36
CA ARG B 128 -9.95 1.73 14.70
C ARG B 128 -9.53 0.90 13.53
N LEU B 129 -8.34 1.17 12.99
CA LEU B 129 -7.77 0.37 11.90
C LEU B 129 -6.60 -0.51 12.38
N PHE B 133 -4.98 -8.78 9.99
CA PHE B 133 -5.65 -9.10 8.72
C PHE B 133 -6.26 -10.52 8.66
N ASN B 134 -7.35 -10.65 7.92
CA ASN B 134 -7.90 -11.96 7.59
C ASN B 134 -7.30 -12.48 6.28
N THR B 135 -6.36 -13.42 6.37
CA THR B 135 -5.69 -13.97 5.16
C THR B 135 -6.64 -14.79 4.28
N GLN B 136 -7.77 -15.14 4.86
CA GLN B 136 -8.77 -16.00 4.24
C GLN B 136 -9.95 -15.17 3.82
N VAL B 137 -9.77 -13.85 3.80
CA VAL B 137 -10.76 -12.92 3.22
C VAL B 137 -10.97 -13.26 1.74
N SER B 138 -12.23 -13.19 1.31
CA SER B 138 -12.58 -13.39 -0.08
C SER B 138 -12.32 -12.12 -0.93
N LEU B 139 -11.89 -12.32 -2.17
CA LEU B 139 -11.61 -11.20 -3.05
C LEU B 139 -12.74 -10.89 -3.98
N ASP B 140 -13.68 -11.80 -4.08
CA ASP B 140 -14.82 -11.62 -5.00
C ASP B 140 -16.16 -11.31 -4.31
N ALA B 141 -16.11 -10.67 -3.15
CA ALA B 141 -17.26 -10.05 -2.46
C ALA B 141 -16.80 -8.83 -1.66
N PHE B 142 -17.63 -7.77 -1.58
CA PHE B 142 -17.34 -6.60 -0.73
C PHE B 142 -17.33 -6.98 0.75
N PRO B 143 -16.37 -6.43 1.51
CA PRO B 143 -16.27 -6.77 2.93
C PRO B 143 -17.36 -6.14 3.82
N GLN B 144 -17.63 -6.79 4.95
CA GLN B 144 -18.73 -6.38 5.83
C GLN B 144 -18.31 -6.05 7.28
N LYS B 145 -17.02 -6.13 7.54
CA LYS B 145 -16.45 -5.72 8.81
C LYS B 145 -15.04 -5.11 8.56
N THR B 146 -14.59 -4.24 9.47
CA THR B 146 -13.33 -3.52 9.33
C THR B 146 -12.05 -4.38 9.14
N MET B 147 -11.93 -5.50 9.86
CA MET B 147 -10.85 -6.46 9.61
C MET B 147 -10.79 -6.82 8.13
N ASP B 148 -11.95 -7.10 7.55
CA ASP B 148 -12.02 -7.56 6.18
C ASP B 148 -11.85 -6.38 5.25
N ALA B 149 -12.29 -5.21 5.65
CA ALA B 149 -12.15 -4.02 4.83
C ALA B 149 -10.65 -3.65 4.55
N LEU B 150 -9.82 -3.83 5.59
CA LEU B 150 -8.37 -3.77 5.53
C LEU B 150 -7.72 -4.90 4.71
N SER B 151 -8.13 -6.13 5.01
CA SER B 151 -7.50 -7.27 4.36
C SER B 151 -7.76 -7.24 2.88
N TYR B 152 -8.96 -6.77 2.51
CA TYR B 152 -9.36 -6.70 1.13
C TYR B 152 -8.58 -5.59 0.41
N GLY B 153 -8.50 -4.44 1.07
CA GLY B 153 -7.83 -3.30 0.52
C GLY B 153 -6.41 -3.71 0.13
N VAL B 154 -5.71 -4.29 1.07
CA VAL B 154 -4.34 -4.71 0.90
C VAL B 154 -4.27 -5.81 -0.13
N PHE B 155 -4.91 -6.94 0.16
CA PHE B 155 -4.62 -8.11 -0.65
C PHE B 155 -5.13 -7.98 -2.09
N LYS B 156 -6.27 -7.34 -2.26
CA LYS B 156 -6.82 -7.18 -3.61
C LYS B 156 -6.09 -6.17 -4.43
N GLY B 157 -5.59 -5.11 -3.79
CA GLY B 157 -4.71 -4.14 -4.40
C GLY B 157 -3.47 -4.78 -5.01
N ILE B 158 -2.83 -5.67 -4.28
CA ILE B 158 -1.69 -6.45 -4.77
C ILE B 158 -2.11 -7.45 -5.84
N TYR B 159 -3.22 -8.16 -5.63
CA TYR B 159 -3.74 -9.07 -6.63
C TYR B 159 -3.98 -8.37 -7.98
N LEU B 160 -4.65 -7.23 -7.99
CA LEU B 160 -4.92 -6.57 -9.25
C LEU B 160 -3.71 -5.96 -9.91
N LEU B 161 -2.82 -5.32 -9.14
CA LEU B 161 -1.56 -4.85 -9.72
C LEU B 161 -0.78 -5.98 -10.35
N ILE B 162 -0.69 -7.12 -9.70
CA ILE B 162 0.07 -8.18 -10.31
C ILE B 162 -0.61 -8.79 -11.55
N LYS B 163 -1.94 -8.87 -11.53
CA LYS B 163 -2.72 -9.41 -12.65
C LYS B 163 -2.53 -8.54 -13.88
N ASP B 164 -2.60 -7.25 -13.66
CA ASP B 164 -2.45 -6.29 -14.73
C ASP B 164 -1.04 -6.34 -15.35
N ALA B 165 -0.01 -6.52 -14.50
CA ALA B 165 1.36 -6.47 -14.96
C ALA B 165 1.72 -7.73 -15.73
N ALA B 166 1.10 -8.85 -15.37
CA ALA B 166 1.35 -10.14 -15.95
C ALA B 166 0.44 -10.41 -17.17
N LYS B 169 1.86 -13.96 -19.64
CA LYS B 169 3.18 -14.01 -18.98
C LYS B 169 3.10 -14.88 -17.72
N LYS B 170 4.09 -15.73 -17.50
CA LYS B 170 4.17 -16.57 -16.30
C LYS B 170 4.60 -15.70 -15.13
N LEU B 171 4.18 -16.08 -13.91
CA LEU B 171 4.56 -15.42 -12.67
C LEU B 171 5.50 -16.28 -11.88
N TYR B 172 6.54 -15.64 -11.35
CA TYR B 172 7.39 -16.29 -10.40
C TYR B 172 7.29 -15.45 -9.12
N PHE B 173 7.32 -16.14 -7.97
CA PHE B 173 7.10 -15.54 -6.68
C PHE B 173 8.19 -16.02 -5.76
N THR B 174 8.59 -15.15 -4.84
CA THR B 174 9.64 -15.49 -3.85
C THR B 174 9.45 -14.62 -2.63
N GLY B 175 10.22 -14.88 -1.59
CA GLY B 175 10.11 -14.07 -0.38
C GLY B 175 9.13 -14.65 0.65
N GLY B 176 9.24 -14.15 1.89
CA GLY B 176 8.44 -14.62 3.03
C GLY B 176 6.95 -14.63 2.76
N ASP B 177 6.45 -13.73 1.91
CA ASP B 177 5.00 -13.66 1.65
C ASP B 177 4.65 -14.13 0.25
N GLY B 178 5.63 -14.71 -0.42
CA GLY B 178 5.45 -15.05 -1.84
C GLY B 178 4.44 -16.18 -2.10
N GLN B 179 4.50 -17.24 -1.26
CA GLN B 179 3.61 -18.43 -1.41
C GLN B 179 2.13 -18.04 -1.27
N PHE B 180 1.87 -17.26 -0.21
CA PHE B 180 0.58 -16.66 0.01
C PHE B 180 0.03 -15.89 -1.21
N LEU B 181 0.86 -15.03 -1.79
CA LEU B 181 0.43 -14.27 -2.98
C LEU B 181 0.30 -15.17 -4.22
N ALA B 182 1.22 -16.12 -4.38
CA ALA B 182 1.18 -17.06 -5.51
C ALA B 182 -0.20 -17.80 -5.60
N ASN B 183 -0.67 -18.31 -4.45
CA ASN B 183 -1.94 -19.04 -4.34
C ASN B 183 -3.12 -18.32 -4.93
N TYR B 184 -3.08 -17.02 -5.14
CA TYR B 184 -4.21 -16.39 -5.84
C TYR B 184 -4.16 -16.55 -7.37
N PHE B 185 -3.15 -17.25 -7.88
CA PHE B 185 -2.92 -17.26 -9.33
C PHE B 185 -2.71 -18.67 -9.83
N ASP B 186 -3.24 -18.96 -11.01
CA ASP B 186 -2.78 -20.18 -11.67
C ASP B 186 -1.72 -19.82 -12.69
N HIS B 187 -0.88 -20.79 -13.03
CA HIS B 187 0.26 -20.55 -13.91
C HIS B 187 1.34 -19.69 -13.22
N ALA B 188 1.45 -19.84 -11.90
CA ALA B 188 2.43 -19.15 -11.11
C ALA B 188 3.21 -20.15 -10.29
N ILE B 189 4.52 -19.91 -10.18
CA ILE B 189 5.39 -20.72 -9.35
C ILE B 189 5.80 -19.93 -8.13
N TYR B 190 6.09 -20.62 -7.04
CA TYR B 190 6.71 -20.04 -5.90
C TYR B 190 8.04 -20.76 -5.74
N ASP B 191 9.11 -19.98 -5.59
CA ASP B 191 10.42 -20.50 -5.42
C ASP B 191 11.06 -19.60 -4.37
N LYS B 192 11.20 -20.14 -3.16
CA LYS B 192 11.85 -19.49 -2.04
C LYS B 192 13.26 -19.07 -2.39
N LEU B 193 13.88 -19.79 -3.32
CA LEU B 193 15.27 -19.59 -3.63
C LEU B 193 15.55 -18.87 -4.94
N LEU B 194 14.63 -18.05 -5.42
CA LEU B 194 14.87 -17.37 -6.70
C LEU B 194 16.22 -16.65 -6.83
N ILE B 195 16.57 -15.93 -5.78
CA ILE B 195 17.72 -15.05 -5.75
C ILE B 195 18.96 -15.91 -5.77
N PHE B 196 19.00 -16.92 -4.90
CA PHE B 196 20.15 -17.82 -4.81
C PHE B 196 20.37 -18.60 -6.11
N ARG B 197 19.30 -18.81 -6.88
CA ARG B 197 19.41 -19.36 -8.24
C ARG B 197 20.11 -18.39 -9.23
N GLY B 198 19.75 -17.11 -9.20
CA GLY B 198 20.51 -16.08 -9.91
C GLY B 198 21.98 -16.07 -9.53
N MET B 199 22.25 -16.07 -8.22
CA MET B 199 23.63 -16.21 -7.73
C MET B 199 24.33 -17.53 -8.18
N LYS B 200 23.60 -18.64 -8.15
CA LYS B 200 24.10 -19.92 -8.61
C LYS B 200 24.51 -19.79 -10.07
N LYS B 201 23.63 -19.18 -10.87
CA LYS B 201 23.88 -18.95 -12.30
C LYS B 201 25.09 -18.13 -12.54
N ILE B 202 25.32 -17.11 -11.72
CA ILE B 202 26.54 -16.29 -11.92
C ILE B 202 27.82 -17.11 -11.80
N ILE B 203 27.80 -18.07 -10.89
CA ILE B 203 28.95 -18.88 -10.56
C ILE B 203 29.18 -19.91 -11.64
N LYS B 204 28.12 -20.43 -12.22
CA LYS B 204 28.23 -21.42 -13.27
C LYS B 204 28.70 -20.77 -14.58
N GLU B 205 28.72 -19.43 -14.58
CA GLU B 205 29.06 -18.62 -15.78
C GLU B 205 30.45 -18.00 -15.69
N ASN B 206 31.02 -18.04 -14.48
CA ASN B 206 32.36 -17.55 -14.23
C ASN B 206 32.92 -18.60 -13.27
N PRO B 207 33.29 -19.78 -13.77
CA PRO B 207 33.79 -20.84 -12.87
C PRO B 207 35.16 -20.54 -12.21
N ASN B 208 35.93 -19.61 -12.81
CA ASN B 208 37.19 -19.10 -12.23
C ASN B 208 36.98 -18.53 -10.81
N LEU B 209 35.74 -18.10 -10.51
CA LEU B 209 35.30 -17.91 -9.13
C LEU B 209 35.34 -19.27 -8.42
S SO4 C . -8.66 13.59 7.00
O1 SO4 C . -10.01 14.04 6.69
O2 SO4 C . -8.22 13.77 8.36
O3 SO4 C . -8.42 12.21 6.69
O4 SO4 C . -7.87 14.43 6.11
S SO4 D . 15.28 -7.18 4.21
O1 SO4 D . 14.12 -7.79 3.56
O2 SO4 D . 14.77 -6.54 5.44
O3 SO4 D . 16.24 -8.21 4.56
O4 SO4 D . 15.89 -6.17 3.33
S SO4 E . 11.80 -12.16 3.13
O1 SO4 E . 11.21 -12.36 1.82
O2 SO4 E . 10.79 -12.46 4.15
O3 SO4 E . 12.93 -13.08 3.28
O4 SO4 E . 12.21 -10.75 3.28
#